data_3D2V
#
_entry.id   3D2V
#
_cell.length_a   74.790
_cell.length_b   110.780
_cell.length_c   55.750
_cell.angle_alpha   90.00
_cell.angle_beta   90.00
_cell.angle_gamma   90.00
#
_symmetry.space_group_name_H-M   'P 21 21 2'
#
loop_
_entity.id
_entity.type
_entity.pdbx_description
1 polymer 'TPP-specific riboswitch'
2 non-polymer 'MAGNESIUM ION'
3 non-polymer 1-[(4-AMINO-2-METHYLPYRIMIDIN-5-YL)METHYL]-3-(2-{[HYDROXY(PHOSPHONOOXY)PHOSPHORYL]OXY}ETHYL)-2-METHYLPYRIDINIUM
4 water water
#
_entity_poly.entity_id   1
_entity_poly.type   'polyribonucleotide'
_entity_poly.pdbx_seq_one_letter_code
;GGGACCAGGGGUGCUUGUUCACAGGCUGAGAAAGUCCCUUUGAACCUGAACAGGGUAAUGCCUGCGCAGGGAGUGUC
;
_entity_poly.pdbx_strand_id   A,B
#